data_9OWD
#
_entry.id   9OWD
#
_cell.length_a   57.984
_cell.length_b   58.268
_cell.length_c   132.420
_cell.angle_alpha   90.00
_cell.angle_beta   90.00
_cell.angle_gamma   90.00
#
_symmetry.space_group_name_H-M   'P 21 21 21'
#
loop_
_entity.id
_entity.type
_entity.pdbx_description
1 polymer "Bifunctional 3'-5' exonuclease/ATP-dependent helicase WRN"
2 non-polymer 'ZINC ION'
3 non-polymer "N-[2-chloro-4-(trifluoromethyl)phenyl]-2-[(9R)-1'-(5-hydroxy-6-methylpyrimidine-4-carbonyl)-2-(morpholin-4-yl)-8-oxo-5,8-dihydrospiro[cyclopenta[d][1,2,4]triazolo[1,5-a]pyrimidine-7,4'-piperidin]-4(6H)-yl]acetamide"
4 non-polymer 1,2-ETHANEDIOL
5 non-polymer 'DIMETHYL SULFOXIDE'
6 water water
#
_entity_poly.entity_id   1
_entity_poly.type   'polypeptide(L)'
_entity_poly.pdbx_seq_one_letter_code
;NLGLPTKEEEEDDENEANEGEEDDDKDFLWPAPNEEQVTCLKMYFGHSSFKPVQWKVIHSVLEERRDNVAVMATGYGKSL
CFQYPPVYVGKIGLVISPLISLMEDQVLQLKMSNIPACFLGSAQSENVLTDIKLGKYRIVYVTPEYCSGNMGLLQQLEAD
IGITLIAVDEAHCISEWGHDFRDSFRKLGSLKTALPMVPIVALTATASSSIREDIVRCLNLRNPQITCTGFDRPNLYLEV
RRKTGNILQDLQPFLVKTSSHWEFEGPTIIYCPSRKMTQQVTGELRKLNLSCGTYHAGMSFSTRKDIHHRFVRDEIQCVI
ATIAFGMGINKADIRQVIHYGAPKDMESYYQEIGRAGRDGLQSSCHVLWAPADINLNRHLLTEIRNEKFRLYKLKMMAKM
EKYLHSSRCRRQIILSHFEDKQVQKASLGIMGTEKCCDNCRSR
;
_entity_poly.pdbx_strand_id   A
#
loop_
_chem_comp.id
_chem_comp.type
_chem_comp.name
_chem_comp.formula
A1CEZ non-polymer N-[2-chloro-4-(trifluoromethyl)phenyl]-2-[(9R)-1'-(5-hydroxy-6-methylpyrimidine-4-carbonyl)-2-(morpholin-4-yl)-8-oxo-5,8-dihydrospiro[cyclopenta[d][1,2,4]triazolo[1,5-a]pyrimidine-7,4'-piperidin]-4(6H)-yl]acetamide 'C31 H31 Cl F3 N9 O5'
DMS non-polymer 'DIMETHYL SULFOXIDE' 'C2 H6 O S'
EDO non-polymer 1,2-ETHANEDIOL 'C2 H6 O2'
ZN non-polymer 'ZINC ION' 'Zn 2'
#
# COMPACT_ATOMS: atom_id res chain seq x y z
N ASP A 25 19.29 1.52 1.76
CA ASP A 25 17.96 0.83 1.64
C ASP A 25 17.23 0.85 2.99
N LYS A 26 17.93 0.52 4.09
CA LYS A 26 17.41 0.51 5.47
C LYS A 26 17.10 1.94 5.95
N ASP A 27 17.73 2.96 5.35
CA ASP A 27 17.67 4.39 5.78
C ASP A 27 16.29 5.02 5.50
N PHE A 28 15.46 4.43 4.63
CA PHE A 28 14.17 5.01 4.15
C PHE A 28 12.97 4.30 4.81
N LEU A 29 13.21 3.49 5.85
CA LEU A 29 12.16 2.75 6.61
C LEU A 29 11.96 3.45 7.96
N TRP A 30 10.70 3.61 8.40
CA TRP A 30 10.36 4.15 9.74
C TRP A 30 9.48 3.16 10.50
N PRO A 31 9.83 2.74 11.74
CA PRO A 31 11.18 2.89 12.30
C PRO A 31 12.15 1.99 11.54
N ALA A 32 13.46 2.25 11.63
CA ALA A 32 14.49 1.45 10.94
C ALA A 32 14.48 0.04 11.55
N PRO A 33 14.53 -1.03 10.73
CA PRO A 33 14.86 -2.36 11.25
C PRO A 33 16.11 -2.29 12.13
N ASN A 34 16.08 -2.92 13.31
CA ASN A 34 17.29 -3.04 14.18
C ASN A 34 18.28 -4.01 13.52
N GLU A 35 19.47 -4.16 14.08
CA GLU A 35 20.60 -4.93 13.48
C GLU A 35 20.28 -6.43 13.49
N GLU A 36 19.55 -6.92 14.50
CA GLU A 36 19.22 -8.36 14.65
C GLU A 36 18.13 -8.76 13.65
N GLN A 37 17.23 -7.82 13.32
CA GLN A 37 16.19 -8.00 12.28
C GLN A 37 16.83 -8.17 10.90
N VAL A 38 17.85 -7.36 10.58
CA VAL A 38 18.62 -7.43 9.30
C VAL A 38 19.37 -8.77 9.25
N THR A 39 20.05 -9.14 10.35
CA THR A 39 20.82 -10.41 10.49
C THR A 39 19.89 -11.60 10.29
N CYS A 40 18.71 -11.58 10.92
CA CYS A 40 17.66 -12.62 10.79
C CYS A 40 17.24 -12.77 9.32
N LEU A 41 16.97 -11.65 8.64
CA LEU A 41 16.55 -11.61 7.21
C LEU A 41 17.64 -12.28 6.35
N LYS A 42 18.91 -11.91 6.57
CA LYS A 42 20.05 -12.44 5.79
C LYS A 42 20.20 -13.94 6.03
N MET A 43 20.26 -14.36 7.30
CA MET A 43 20.53 -15.78 7.69
C MET A 43 19.45 -16.71 7.10
N TYR A 44 18.17 -16.37 7.28
CA TYR A 44 17.03 -17.30 7.08
C TYR A 44 16.35 -17.11 5.72
N PHE A 45 16.47 -15.94 5.08
CA PHE A 45 15.80 -15.63 3.78
C PHE A 45 16.79 -15.17 2.70
N GLY A 46 18.03 -14.81 3.05
CA GLY A 46 19.10 -14.50 2.08
C GLY A 46 18.98 -13.10 1.48
N HIS A 47 18.13 -12.24 2.05
CA HIS A 47 17.88 -10.85 1.56
C HIS A 47 18.68 -9.87 2.44
N SER A 48 19.14 -8.77 1.81
CA SER A 48 19.99 -7.72 2.42
C SER A 48 19.11 -6.64 3.06
N SER A 49 17.88 -6.48 2.59
CA SER A 49 16.98 -5.33 2.90
C SER A 49 15.51 -5.73 2.76
N PHE A 50 14.63 -5.00 3.45
CA PHE A 50 13.15 -5.06 3.27
C PHE A 50 12.75 -3.98 2.26
N LYS A 51 11.87 -4.31 1.31
CA LYS A 51 11.14 -3.31 0.49
C LYS A 51 10.18 -2.55 1.41
N PRO A 52 9.87 -1.26 1.17
CA PRO A 52 8.98 -0.50 2.07
C PRO A 52 7.66 -1.19 2.45
N VAL A 53 6.97 -1.80 1.48
CA VAL A 53 5.65 -2.48 1.71
C VAL A 53 5.88 -3.70 2.60
N GLN A 54 6.94 -4.49 2.36
CA GLN A 54 7.29 -5.67 3.18
C GLN A 54 7.49 -5.21 4.63
N TRP A 55 8.29 -4.16 4.82
CA TRP A 55 8.55 -3.58 6.16
C TRP A 55 7.24 -3.06 6.76
N LYS A 56 6.40 -2.40 5.96
CA LYS A 56 5.09 -1.84 6.40
C LYS A 56 4.26 -2.96 7.04
N VAL A 57 4.17 -4.13 6.39
CA VAL A 57 3.33 -5.28 6.85
C VAL A 57 3.97 -5.90 8.10
N ILE A 58 5.27 -6.23 8.03
CA ILE A 58 6.04 -6.94 9.10
C ILE A 58 6.02 -6.13 10.40
N HIS A 59 6.34 -4.84 10.31
CA HIS A 59 6.39 -3.93 11.50
C HIS A 59 4.99 -3.82 12.13
N SER A 60 3.94 -3.64 11.31
CA SER A 60 2.54 -3.51 11.77
C SER A 60 2.09 -4.79 12.49
N VAL A 61 2.48 -5.96 11.95
CA VAL A 61 2.23 -7.29 12.59
C VAL A 61 3.02 -7.40 13.91
N LEU A 62 4.34 -7.20 13.86
CA LEU A 62 5.24 -7.41 15.04
C LEU A 62 4.89 -6.43 16.17
N GLU A 63 4.83 -5.13 15.89
CA GLU A 63 4.79 -4.07 16.93
C GLU A 63 3.35 -3.63 17.22
N GLU A 64 2.50 -3.48 16.21
CA GLU A 64 1.11 -2.97 16.38
C GLU A 64 0.11 -4.13 16.48
N ARG A 65 0.52 -5.37 16.13
CA ARG A 65 -0.36 -6.56 16.16
C ARG A 65 -1.59 -6.26 15.30
N ARG A 66 -1.36 -5.66 14.13
CA ARG A 66 -2.41 -5.01 13.31
C ARG A 66 -2.81 -5.96 12.17
N ASP A 67 -4.13 -6.07 11.92
CA ASP A 67 -4.69 -6.79 10.75
C ASP A 67 -4.20 -6.10 9.48
N ASN A 68 -4.00 -6.88 8.42
CA ASN A 68 -3.54 -6.37 7.09
C ASN A 68 -4.41 -6.98 5.99
N VAL A 69 -4.77 -6.17 5.00
CA VAL A 69 -5.13 -6.66 3.64
C VAL A 69 -3.99 -6.23 2.72
N ALA A 70 -3.15 -7.18 2.33
CA ALA A 70 -1.99 -6.98 1.44
C ALA A 70 -2.35 -7.48 0.04
N VAL A 71 -2.75 -6.56 -0.85
CA VAL A 71 -3.03 -6.89 -2.28
C VAL A 71 -1.67 -7.00 -2.98
N MET A 72 -1.36 -8.16 -3.56
CA MET A 72 -0.08 -8.43 -4.25
C MET A 72 -0.36 -9.13 -5.58
N ALA A 73 -0.05 -8.44 -6.69
CA ALA A 73 -0.28 -8.89 -8.08
C ALA A 73 0.31 -10.29 -8.30
N THR A 74 1.48 -10.57 -7.70
CA THR A 74 2.25 -11.83 -7.89
C THR A 74 2.79 -12.33 -6.54
N GLY A 75 3.45 -13.50 -6.55
CA GLY A 75 4.12 -14.11 -5.40
C GLY A 75 5.52 -13.56 -5.16
N TYR A 76 6.01 -12.67 -6.03
CA TYR A 76 7.38 -12.07 -5.93
C TYR A 76 7.41 -11.07 -4.77
N GLY A 77 8.21 -11.38 -3.73
CA GLY A 77 8.35 -10.59 -2.50
C GLY A 77 7.15 -10.73 -1.57
N LYS A 78 6.28 -11.73 -1.80
CA LYS A 78 4.98 -11.90 -1.11
C LYS A 78 5.15 -12.67 0.21
N SER A 79 5.80 -13.84 0.14
CA SER A 79 5.88 -14.85 1.24
C SER A 79 6.59 -14.28 2.48
N LEU A 80 7.59 -13.40 2.28
CA LEU A 80 8.40 -12.81 3.37
C LEU A 80 7.54 -12.11 4.41
N CYS A 81 6.49 -11.41 3.96
N CYS A 81 6.46 -11.44 3.98
CA CYS A 81 5.53 -10.63 4.79
CA CYS A 81 5.56 -10.61 4.82
C CYS A 81 4.93 -11.48 5.92
C CYS A 81 4.87 -11.45 5.91
N PHE A 82 4.62 -12.75 5.66
CA PHE A 82 4.01 -13.68 6.66
C PHE A 82 5.02 -14.73 7.18
N GLN A 83 6.14 -14.94 6.49
CA GLN A 83 7.15 -15.95 6.91
C GLN A 83 8.12 -15.32 7.90
N TYR A 84 8.51 -14.06 7.66
CA TYR A 84 9.57 -13.37 8.46
C TYR A 84 9.14 -13.21 9.91
N PRO A 85 7.96 -12.61 10.23
CA PRO A 85 7.64 -12.30 11.63
C PRO A 85 7.75 -13.47 12.61
N PRO A 86 7.14 -14.67 12.39
CA PRO A 86 7.26 -15.78 13.34
C PRO A 86 8.69 -16.35 13.46
N VAL A 87 9.52 -16.19 12.43
CA VAL A 87 10.94 -16.62 12.38
C VAL A 87 11.76 -15.68 13.28
N TYR A 88 11.56 -14.36 13.15
CA TYR A 88 12.21 -13.31 13.97
C TYR A 88 11.92 -13.55 15.46
N VAL A 89 10.65 -13.63 15.86
CA VAL A 89 10.24 -13.76 17.30
C VAL A 89 10.40 -15.21 17.80
N GLY A 90 10.58 -16.18 16.91
CA GLY A 90 10.82 -17.60 17.26
C GLY A 90 9.59 -18.25 17.88
N LYS A 91 8.39 -17.84 17.42
CA LYS A 91 7.09 -18.34 17.90
C LYS A 91 6.50 -19.23 16.79
N ILE A 92 5.24 -18.99 16.38
CA ILE A 92 4.55 -19.80 15.35
C ILE A 92 3.70 -18.86 14.49
N GLY A 93 3.70 -19.07 13.18
CA GLY A 93 2.80 -18.41 12.22
C GLY A 93 1.97 -19.43 11.48
N LEU A 94 0.68 -19.15 11.28
N LEU A 94 0.69 -19.14 11.26
CA LEU A 94 -0.27 -20.02 10.52
CA LEU A 94 -0.25 -20.02 10.52
C LEU A 94 -0.46 -19.41 9.13
C LEU A 94 -0.50 -19.42 9.13
N VAL A 95 -0.37 -20.23 8.08
CA VAL A 95 -0.66 -19.84 6.67
C VAL A 95 -1.84 -20.70 6.21
N ILE A 96 -3.02 -20.09 6.07
CA ILE A 96 -4.28 -20.73 5.60
C ILE A 96 -4.39 -20.50 4.09
N SER A 97 -4.35 -21.58 3.29
CA SER A 97 -4.38 -21.51 1.81
C SER A 97 -5.03 -22.74 1.19
N PRO A 98 -5.72 -22.62 0.02
CA PRO A 98 -6.16 -23.77 -0.76
C PRO A 98 -5.15 -24.25 -1.82
N LEU A 99 -4.05 -23.52 -2.05
CA LEU A 99 -3.06 -23.76 -3.13
C LEU A 99 -2.03 -24.80 -2.64
N ILE A 100 -2.40 -26.09 -2.68
CA ILE A 100 -1.71 -27.22 -1.98
C ILE A 100 -0.26 -27.33 -2.46
N SER A 101 -0.04 -27.33 -3.78
CA SER A 101 1.29 -27.51 -4.43
C SER A 101 2.21 -26.35 -4.07
N LEU A 102 1.70 -25.12 -4.10
CA LEU A 102 2.44 -23.88 -3.71
C LEU A 102 2.81 -23.96 -2.22
N MET A 103 1.90 -24.43 -1.36
CA MET A 103 2.13 -24.60 0.09
C MET A 103 3.26 -25.61 0.32
N GLU A 104 3.22 -26.75 -0.39
CA GLU A 104 4.26 -27.80 -0.35
C GLU A 104 5.60 -27.22 -0.81
N ASP A 105 5.62 -26.46 -1.91
CA ASP A 105 6.84 -25.80 -2.45
C ASP A 105 7.44 -24.88 -1.39
N GLN A 106 6.60 -24.10 -0.69
CA GLN A 106 7.06 -23.11 0.31
C GLN A 106 7.56 -23.85 1.58
N VAL A 107 6.88 -24.92 1.99
CA VAL A 107 7.29 -25.79 3.13
C VAL A 107 8.72 -26.29 2.86
N LEU A 108 8.98 -26.80 1.64
CA LEU A 108 10.32 -27.34 1.24
C LEU A 108 11.36 -26.21 1.28
N GLN A 109 11.04 -25.03 0.73
CA GLN A 109 11.95 -23.84 0.75
C GLN A 109 12.33 -23.49 2.18
N LEU A 110 11.34 -23.40 3.09
CA LEU A 110 11.56 -23.07 4.53
C LEU A 110 12.47 -24.13 5.17
N LYS A 111 12.20 -25.42 4.93
CA LYS A 111 13.01 -26.56 5.44
C LYS A 111 14.46 -26.42 4.94
N MET A 112 14.64 -26.14 3.64
CA MET A 112 15.97 -26.01 2.99
C MET A 112 16.68 -24.73 3.46
N SER A 113 15.95 -23.75 4.03
CA SER A 113 16.50 -22.52 4.66
C SER A 113 16.76 -22.72 6.16
N ASN A 114 16.59 -23.95 6.67
CA ASN A 114 16.77 -24.33 8.10
C ASN A 114 15.70 -23.65 8.97
N ILE A 115 14.52 -23.36 8.40
CA ILE A 115 13.30 -22.92 9.15
C ILE A 115 12.41 -24.14 9.32
N PRO A 116 12.10 -24.58 10.56
CA PRO A 116 11.21 -25.73 10.75
C PRO A 116 9.78 -25.34 10.36
N ALA A 117 9.22 -26.03 9.35
CA ALA A 117 7.88 -25.80 8.77
C ALA A 117 7.27 -27.13 8.32
N CYS A 118 5.94 -27.20 8.24
CA CYS A 118 5.20 -28.41 7.80
C CYS A 118 3.84 -28.03 7.20
N PHE A 119 3.27 -28.96 6.43
CA PHE A 119 1.85 -28.98 6.03
C PHE A 119 1.10 -29.77 7.11
N LEU A 120 0.11 -29.15 7.75
CA LEU A 120 -0.76 -29.82 8.75
C LEU A 120 -2.11 -30.13 8.10
N GLY A 121 -2.46 -31.42 8.04
CA GLY A 121 -3.77 -31.93 7.61
C GLY A 121 -4.09 -33.24 8.31
N SER A 122 -5.30 -33.77 8.12
CA SER A 122 -5.80 -35.02 8.75
C SER A 122 -4.81 -36.18 8.48
N ALA A 123 -4.37 -36.33 7.23
CA ALA A 123 -3.45 -37.39 6.77
C ALA A 123 -2.03 -37.19 7.35
N GLN A 124 -1.62 -35.94 7.61
CA GLN A 124 -0.24 -35.58 8.05
C GLN A 124 -0.17 -35.53 9.58
N SER A 125 -1.32 -35.48 10.26
CA SER A 125 -1.47 -35.13 11.70
C SER A 125 -0.64 -36.05 12.61
N GLU A 126 -0.72 -37.37 12.39
CA GLU A 126 0.03 -38.40 13.16
C GLU A 126 1.52 -38.05 13.18
N ASN A 127 2.07 -37.62 12.05
CA ASN A 127 3.51 -37.29 11.87
C ASN A 127 3.88 -36.00 12.61
N VAL A 128 3.04 -34.95 12.59
CA VAL A 128 3.45 -33.55 12.90
C VAL A 128 2.75 -32.96 14.14
N LEU A 129 1.54 -33.40 14.51
CA LEU A 129 0.65 -32.59 15.41
C LEU A 129 1.25 -32.45 16.82
N THR A 130 1.78 -33.53 17.40
CA THR A 130 2.47 -33.52 18.72
C THR A 130 3.61 -32.50 18.68
N ASP A 131 4.42 -32.52 17.61
CA ASP A 131 5.57 -31.60 17.39
C ASP A 131 5.09 -30.15 17.27
N ILE A 132 3.97 -29.90 16.58
CA ILE A 132 3.38 -28.53 16.41
C ILE A 132 2.99 -28.01 17.80
N LYS A 133 2.25 -28.82 18.57
CA LYS A 133 1.77 -28.49 19.95
C LYS A 133 2.96 -28.18 20.87
N LEU A 134 4.07 -28.91 20.74
CA LEU A 134 5.31 -28.74 21.55
C LEU A 134 6.13 -27.52 21.08
N GLY A 135 5.72 -26.83 20.02
CA GLY A 135 6.32 -25.54 19.58
C GLY A 135 7.57 -25.74 18.72
N LYS A 136 7.69 -26.88 18.04
CA LYS A 136 8.90 -27.26 17.27
C LYS A 136 8.89 -26.60 15.88
N TYR A 137 7.74 -26.09 15.42
CA TYR A 137 7.57 -25.54 14.05
C TYR A 137 7.37 -24.02 14.13
N ARG A 138 8.10 -23.26 13.30
CA ARG A 138 7.95 -21.78 13.15
C ARG A 138 6.71 -21.47 12.30
N ILE A 139 6.49 -22.21 11.21
CA ILE A 139 5.44 -21.90 10.20
C ILE A 139 4.66 -23.20 9.91
N VAL A 140 3.34 -23.16 10.09
CA VAL A 140 2.42 -24.30 9.82
C VAL A 140 1.45 -23.88 8.70
N TYR A 141 1.45 -24.61 7.59
CA TYR A 141 0.49 -24.44 6.47
C TYR A 141 -0.70 -25.39 6.70
N VAL A 142 -1.93 -24.86 6.62
CA VAL A 142 -3.21 -25.63 6.77
C VAL A 142 -4.17 -25.18 5.66
N THR A 143 -5.07 -26.07 5.25
CA THR A 143 -6.22 -25.76 4.37
C THR A 143 -7.28 -25.04 5.20
N PRO A 144 -8.17 -24.22 4.59
CA PRO A 144 -9.29 -23.64 5.32
C PRO A 144 -10.25 -24.71 5.88
N GLU A 145 -10.39 -25.85 5.19
CA GLU A 145 -11.21 -27.00 5.62
C GLU A 145 -10.69 -27.54 6.96
N TYR A 146 -9.37 -27.75 7.08
CA TYR A 146 -8.74 -28.28 8.33
C TYR A 146 -8.93 -27.29 9.48
N CYS A 147 -8.76 -25.99 9.22
CA CYS A 147 -8.75 -24.90 10.24
C CYS A 147 -10.10 -24.81 10.98
N SER A 148 -11.22 -24.90 10.26
CA SER A 148 -12.60 -24.77 10.83
C SER A 148 -12.91 -25.93 11.80
N GLY A 149 -12.27 -27.08 11.61
CA GLY A 149 -12.39 -28.26 12.50
C GLY A 149 -11.55 -28.14 13.76
N ASN A 150 -10.56 -27.23 13.81
CA ASN A 150 -9.46 -27.23 14.81
C ASN A 150 -9.21 -25.82 15.35
N MET A 151 -10.26 -25.05 15.68
CA MET A 151 -10.12 -23.74 16.39
C MET A 151 -9.59 -24.00 17.81
N GLY A 152 -9.94 -25.14 18.40
CA GLY A 152 -9.42 -25.62 19.70
C GLY A 152 -7.90 -25.76 19.70
N LEU A 153 -7.34 -26.34 18.65
CA LEU A 153 -5.86 -26.46 18.45
C LEU A 153 -5.25 -25.05 18.46
N LEU A 154 -5.81 -24.11 17.69
CA LEU A 154 -5.24 -22.73 17.53
C LEU A 154 -5.24 -22.03 18.89
N GLN A 155 -6.33 -22.15 19.66
CA GLN A 155 -6.45 -21.62 21.05
C GLN A 155 -5.31 -22.18 21.92
N GLN A 156 -5.03 -23.49 21.84
CA GLN A 156 -3.94 -24.16 22.61
C GLN A 156 -2.59 -23.55 22.21
N LEU A 157 -2.33 -23.43 20.90
CA LEU A 157 -1.08 -22.87 20.34
C LEU A 157 -0.92 -21.41 20.78
N GLU A 158 -2.01 -20.65 20.75
CA GLU A 158 -2.03 -19.23 21.22
C GLU A 158 -1.62 -19.18 22.70
N ALA A 159 -2.18 -20.07 23.53
CA ALA A 159 -1.93 -20.12 25.00
C ALA A 159 -0.49 -20.59 25.29
N ASP A 160 -0.05 -21.66 24.62
CA ASP A 160 1.22 -22.38 24.91
C ASP A 160 2.42 -21.71 24.23
N ILE A 161 2.24 -21.17 23.01
CA ILE A 161 3.34 -20.62 22.16
C ILE A 161 3.13 -19.12 21.97
N GLY A 162 1.95 -18.72 21.47
CA GLY A 162 1.67 -17.36 20.97
C GLY A 162 1.81 -17.32 19.46
N ILE A 163 0.70 -17.07 18.77
CA ILE A 163 0.62 -17.03 17.27
C ILE A 163 0.98 -15.62 16.82
N THR A 164 2.11 -15.46 16.13
CA THR A 164 2.61 -14.14 15.63
C THR A 164 1.59 -13.55 14.66
N LEU A 165 1.07 -14.37 13.76
CA LEU A 165 0.06 -13.93 12.75
C LEU A 165 -0.67 -15.16 12.18
N ILE A 166 -1.85 -14.93 11.63
CA ILE A 166 -2.51 -15.88 10.68
C ILE A 166 -2.53 -15.21 9.31
N ALA A 167 -1.91 -15.85 8.32
CA ALA A 167 -2.01 -15.46 6.89
C ALA A 167 -3.20 -16.22 6.27
N VAL A 168 -4.12 -15.49 5.65
CA VAL A 168 -5.16 -16.08 4.75
C VAL A 168 -4.79 -15.70 3.32
N ASP A 169 -4.20 -16.63 2.57
CA ASP A 169 -3.91 -16.44 1.13
C ASP A 169 -5.21 -16.68 0.34
N GLU A 170 -5.28 -16.14 -0.88
CA GLU A 170 -6.45 -16.23 -1.79
C GLU A 170 -7.69 -15.73 -1.05
N ALA A 171 -7.54 -14.64 -0.28
CA ALA A 171 -8.54 -14.15 0.69
C ALA A 171 -9.82 -13.70 -0.02
N HIS A 172 -9.73 -13.32 -1.31
CA HIS A 172 -10.88 -13.02 -2.21
C HIS A 172 -11.87 -14.19 -2.25
N CYS A 173 -11.42 -15.44 -2.02
CA CYS A 173 -12.26 -16.67 -2.05
C CYS A 173 -13.36 -16.63 -0.97
N ILE A 174 -13.26 -15.74 0.03
CA ILE A 174 -14.32 -15.56 1.07
C ILE A 174 -15.51 -14.79 0.49
N SER A 175 -15.35 -14.06 -0.62
CA SER A 175 -16.40 -13.19 -1.21
C SER A 175 -17.23 -13.98 -2.23
N GLU A 176 -18.53 -14.16 -1.95
CA GLU A 176 -19.55 -14.68 -2.90
C GLU A 176 -19.55 -13.84 -4.20
N TRP A 177 -19.22 -12.55 -4.10
CA TRP A 177 -19.33 -11.55 -5.20
C TRP A 177 -18.15 -11.63 -6.17
N GLY A 178 -17.01 -12.21 -5.73
CA GLY A 178 -15.83 -12.45 -6.58
C GLY A 178 -16.01 -13.61 -7.54
N HIS A 179 -14.97 -13.93 -8.31
CA HIS A 179 -15.01 -14.89 -9.44
C HIS A 179 -14.60 -16.31 -8.99
N ASP A 180 -14.03 -16.47 -7.80
CA ASP A 180 -13.37 -17.73 -7.34
C ASP A 180 -13.78 -18.01 -5.88
N PHE A 181 -15.08 -18.11 -5.64
CA PHE A 181 -15.65 -18.34 -4.28
C PHE A 181 -15.30 -19.76 -3.82
N ARG A 182 -14.97 -19.91 -2.52
CA ARG A 182 -14.75 -21.21 -1.84
C ARG A 182 -15.53 -21.21 -0.53
N ASP A 183 -16.44 -22.18 -0.36
CA ASP A 183 -17.29 -22.37 0.84
C ASP A 183 -16.41 -22.62 2.07
N SER A 184 -15.24 -23.23 1.89
CA SER A 184 -14.26 -23.53 2.97
C SER A 184 -13.83 -22.25 3.70
N PHE A 185 -13.83 -21.08 3.05
CA PHE A 185 -13.39 -19.79 3.63
C PHE A 185 -14.44 -19.19 4.57
N ARG A 186 -15.72 -19.58 4.46
CA ARG A 186 -16.86 -18.99 5.21
C ARG A 186 -16.61 -19.02 6.73
N LYS A 187 -16.03 -20.10 7.25
CA LYS A 187 -15.84 -20.32 8.71
C LYS A 187 -14.58 -19.60 9.23
N LEU A 188 -13.77 -18.99 8.36
CA LEU A 188 -12.56 -18.23 8.78
C LEU A 188 -12.97 -16.92 9.48
N GLY A 189 -14.24 -16.48 9.33
CA GLY A 189 -14.87 -15.43 10.15
C GLY A 189 -14.74 -15.67 11.65
N SER A 190 -14.63 -16.93 12.09
CA SER A 190 -14.53 -17.33 13.52
C SER A 190 -13.12 -17.11 14.09
N LEU A 191 -12.08 -16.93 13.26
CA LEU A 191 -10.67 -16.76 13.72
C LEU A 191 -10.60 -15.62 14.75
N LYS A 192 -11.19 -14.48 14.43
CA LYS A 192 -11.21 -13.25 15.29
C LYS A 192 -12.09 -13.46 16.52
N THR A 193 -13.09 -14.36 16.46
CA THR A 193 -13.88 -14.80 17.64
C THR A 193 -12.95 -15.62 18.55
N ALA A 194 -12.39 -16.71 18.01
CA ALA A 194 -11.52 -17.68 18.73
C ALA A 194 -10.24 -16.99 19.23
N LEU A 195 -9.66 -16.11 18.42
CA LEU A 195 -8.31 -15.51 18.62
C LEU A 195 -8.37 -14.01 18.34
N PRO A 196 -9.02 -13.20 19.22
CA PRO A 196 -9.26 -11.79 18.93
C PRO A 196 -7.99 -10.92 18.89
N MET A 197 -6.88 -11.38 19.47
CA MET A 197 -5.61 -10.61 19.60
C MET A 197 -4.54 -11.07 18.59
N VAL A 198 -4.78 -12.14 17.82
CA VAL A 198 -3.84 -12.56 16.75
C VAL A 198 -4.16 -11.74 15.50
N PRO A 199 -3.21 -10.99 14.93
CA PRO A 199 -3.46 -10.22 13.71
C PRO A 199 -3.59 -11.17 12.51
N ILE A 200 -4.49 -10.85 11.58
CA ILE A 200 -4.71 -11.59 10.31
C ILE A 200 -4.11 -10.77 9.17
N VAL A 201 -3.24 -11.39 8.36
CA VAL A 201 -2.75 -10.83 7.07
C VAL A 201 -3.53 -11.52 5.94
N ALA A 202 -4.51 -10.83 5.36
CA ALA A 202 -5.30 -11.30 4.20
C ALA A 202 -4.57 -10.92 2.91
N LEU A 203 -4.24 -11.90 2.08
CA LEU A 203 -3.47 -11.71 0.82
C LEU A 203 -4.33 -12.10 -0.38
N THR A 204 -4.28 -11.29 -1.45
CA THR A 204 -5.02 -11.52 -2.71
C THR A 204 -4.35 -10.75 -3.85
N ALA A 205 -4.53 -11.22 -5.08
CA ALA A 205 -4.03 -10.58 -6.33
C ALA A 205 -5.03 -9.53 -6.85
N THR A 206 -6.28 -9.51 -6.37
CA THR A 206 -7.35 -8.62 -6.89
C THR A 206 -7.30 -7.27 -6.14
N ALA A 207 -7.27 -6.17 -6.90
CA ALA A 207 -7.21 -4.77 -6.43
C ALA A 207 -8.60 -4.14 -6.39
N SER A 208 -9.66 -4.95 -6.53
CA SER A 208 -11.08 -4.52 -6.40
C SER A 208 -11.32 -3.97 -5.00
N SER A 209 -11.78 -2.72 -4.90
CA SER A 209 -12.24 -2.09 -3.63
C SER A 209 -13.43 -2.88 -3.05
N SER A 210 -14.33 -3.36 -3.91
CA SER A 210 -15.50 -4.22 -3.58
C SER A 210 -15.03 -5.47 -2.82
N ILE A 211 -14.07 -6.21 -3.38
CA ILE A 211 -13.58 -7.50 -2.80
C ILE A 211 -12.81 -7.21 -1.50
N ARG A 212 -12.01 -6.14 -1.45
CA ARG A 212 -11.30 -5.70 -0.22
C ARG A 212 -12.31 -5.59 0.93
N GLU A 213 -13.40 -4.85 0.71
CA GLU A 213 -14.49 -4.62 1.71
C GLU A 213 -15.09 -5.96 2.15
N ASP A 214 -15.36 -6.87 1.21
CA ASP A 214 -15.87 -8.24 1.50
C ASP A 214 -14.87 -8.98 2.41
N ILE A 215 -13.56 -8.91 2.09
CA ILE A 215 -12.48 -9.59 2.86
C ILE A 215 -12.47 -9.02 4.30
N VAL A 216 -12.49 -7.68 4.43
CA VAL A 216 -12.47 -6.97 5.74
C VAL A 216 -13.68 -7.40 6.59
N ARG A 217 -14.88 -7.41 6.00
N ARG A 217 -14.88 -7.39 5.99
CA ARG A 217 -16.16 -7.74 6.69
CA ARG A 217 -16.18 -7.75 6.64
C ARG A 217 -16.19 -9.23 7.06
C ARG A 217 -16.18 -9.22 7.05
N CYS A 218 -15.94 -10.11 6.09
CA CYS A 218 -16.07 -11.59 6.26
C CYS A 218 -15.01 -12.17 7.21
N LEU A 219 -13.80 -11.59 7.26
CA LEU A 219 -12.72 -12.02 8.21
C LEU A 219 -12.77 -11.20 9.51
N ASN A 220 -13.71 -10.27 9.64
CA ASN A 220 -13.90 -9.40 10.83
C ASN A 220 -12.57 -8.71 11.19
N LEU A 221 -11.88 -8.18 10.18
CA LEU A 221 -10.61 -7.45 10.39
C LEU A 221 -10.92 -6.13 11.10
N ARG A 222 -10.06 -5.75 12.05
CA ARG A 222 -10.16 -4.53 12.87
C ARG A 222 -9.16 -3.50 12.32
N ASN A 223 -9.66 -2.40 11.75
CA ASN A 223 -8.87 -1.25 11.22
C ASN A 223 -7.66 -1.76 10.44
N PRO A 224 -7.84 -2.63 9.42
CA PRO A 224 -6.71 -3.28 8.76
C PRO A 224 -5.85 -2.27 7.96
N GLN A 225 -4.53 -2.47 7.96
CA GLN A 225 -3.60 -1.75 7.07
C GLN A 225 -3.81 -2.27 5.65
N ILE A 226 -4.12 -1.38 4.70
CA ILE A 226 -4.36 -1.71 3.27
C ILE A 226 -3.12 -1.28 2.49
N THR A 227 -2.48 -2.24 1.82
CA THR A 227 -1.38 -2.03 0.84
C THR A 227 -1.75 -2.73 -0.46
N CYS A 228 -1.19 -2.25 -1.57
CA CYS A 228 -1.45 -2.74 -2.94
C CYS A 228 -0.17 -2.57 -3.76
N THR A 229 0.48 -3.67 -4.14
CA THR A 229 1.84 -3.68 -4.75
C THR A 229 1.94 -4.83 -5.77
N GLY A 230 3.02 -4.84 -6.55
CA GLY A 230 3.27 -5.83 -7.63
C GLY A 230 2.74 -5.39 -8.99
N PHE A 231 2.06 -4.23 -9.07
CA PHE A 231 1.45 -3.68 -10.31
C PHE A 231 2.37 -2.61 -10.88
N ASP A 232 2.45 -2.51 -12.21
CA ASP A 232 3.37 -1.57 -12.94
C ASP A 232 2.63 -0.28 -13.34
N ARG A 233 1.29 -0.32 -13.44
CA ARG A 233 0.41 0.85 -13.70
C ARG A 233 0.83 1.55 -15.00
N PRO A 234 0.79 0.88 -16.18
CA PRO A 234 1.28 1.47 -17.42
C PRO A 234 0.50 2.71 -17.91
N ASN A 235 -0.75 2.85 -17.44
CA ASN A 235 -1.70 3.94 -17.80
C ASN A 235 -1.41 5.24 -17.03
N LEU A 236 -0.39 5.29 -16.16
CA LEU A 236 -0.02 6.52 -15.41
C LEU A 236 1.21 7.18 -16.05
N TYR A 237 1.01 8.36 -16.65
CA TYR A 237 2.09 9.23 -17.18
C TYR A 237 2.58 10.13 -16.04
N LEU A 238 3.91 10.19 -15.83
CA LEU A 238 4.56 10.97 -14.74
C LEU A 238 5.28 12.17 -15.33
N GLU A 239 5.10 13.36 -14.76
CA GLU A 239 5.84 14.59 -15.17
C GLU A 239 6.13 15.44 -13.94
N VAL A 240 7.33 16.03 -13.92
CA VAL A 240 7.77 17.05 -12.92
C VAL A 240 8.11 18.32 -13.71
N ARG A 241 7.54 19.44 -13.28
CA ARG A 241 7.56 20.73 -14.00
C ARG A 241 7.82 21.83 -12.96
N ARG A 242 8.63 22.84 -13.32
CA ARG A 242 8.92 23.98 -12.42
C ARG A 242 7.65 24.80 -12.24
N LYS A 243 7.43 25.29 -11.02
CA LYS A 243 6.27 26.11 -10.60
C LYS A 243 6.68 27.57 -10.69
N THR A 244 5.95 28.38 -11.47
CA THR A 244 6.16 29.85 -11.62
C THR A 244 5.82 30.53 -10.28
N GLY A 245 4.73 30.11 -9.63
CA GLY A 245 4.18 30.73 -8.41
C GLY A 245 2.82 31.35 -8.68
N ASN A 246 2.63 31.93 -9.88
CA ASN A 246 1.32 32.40 -10.40
C ASN A 246 0.44 31.16 -10.62
N ILE A 247 -0.62 31.02 -9.83
CA ILE A 247 -1.48 29.79 -9.73
C ILE A 247 -2.21 29.59 -11.06
N LEU A 248 -2.87 30.63 -11.59
CA LEU A 248 -3.63 30.55 -12.86
C LEU A 248 -2.67 30.21 -14.02
N GLN A 249 -1.52 30.87 -14.09
CA GLN A 249 -0.47 30.63 -15.11
C GLN A 249 -0.01 29.16 -15.03
N ASP A 250 0.24 28.66 -13.81
CA ASP A 250 0.73 27.28 -13.55
C ASP A 250 -0.29 26.23 -14.01
N LEU A 251 -1.59 26.46 -13.77
CA LEU A 251 -2.65 25.44 -13.97
C LEU A 251 -3.36 25.61 -15.32
N GLN A 252 -3.18 26.76 -16.00
CA GLN A 252 -3.79 27.08 -17.32
C GLN A 252 -3.57 25.93 -18.31
N PRO A 253 -2.34 25.36 -18.46
CA PRO A 253 -2.11 24.26 -19.40
C PRO A 253 -3.04 23.03 -19.28
N PHE A 254 -3.58 22.76 -18.09
CA PHE A 254 -4.45 21.59 -17.79
C PHE A 254 -5.91 21.88 -18.17
N LEU A 255 -6.29 23.14 -18.39
CA LEU A 255 -7.71 23.57 -18.52
C LEU A 255 -8.17 23.48 -19.98
N VAL A 256 -9.48 23.30 -20.17
CA VAL A 256 -10.20 23.31 -21.47
C VAL A 256 -11.37 24.29 -21.34
N LYS A 257 -11.45 25.27 -22.26
N LYS A 257 -11.45 25.27 -22.26
CA LYS A 257 -12.46 26.36 -22.24
CA LYS A 257 -12.47 26.37 -22.22
C LYS A 257 -13.75 25.90 -22.93
C LYS A 257 -13.75 25.92 -22.93
N THR A 258 -14.83 25.71 -22.15
CA THR A 258 -16.21 25.49 -22.64
C THR A 258 -16.91 26.85 -22.70
N SER A 259 -17.95 26.99 -23.52
CA SER A 259 -18.81 28.21 -23.67
C SER A 259 -19.17 28.79 -22.29
N SER A 260 -19.56 27.93 -21.35
CA SER A 260 -19.94 28.29 -19.95
C SER A 260 -18.70 28.70 -19.15
N HIS A 261 -17.71 27.82 -19.04
CA HIS A 261 -16.57 27.93 -18.10
C HIS A 261 -15.36 27.11 -18.58
N TRP A 262 -14.19 27.36 -17.96
N TRP A 262 -14.19 27.34 -17.97
CA TRP A 262 -12.97 26.53 -18.10
CA TRP A 262 -12.96 26.52 -18.15
C TRP A 262 -13.11 25.27 -17.23
C TRP A 262 -13.04 25.30 -17.21
N GLU A 263 -12.48 24.16 -17.62
CA GLU A 263 -12.56 22.87 -16.86
C GLU A 263 -11.37 21.96 -17.21
N PHE A 264 -11.06 21.01 -16.33
CA PHE A 264 -10.03 19.94 -16.55
C PHE A 264 -10.58 18.90 -17.54
N GLU A 265 -9.72 17.99 -17.98
CA GLU A 265 -10.03 16.96 -19.01
C GLU A 265 -10.93 15.86 -18.41
N GLY A 266 -10.89 15.67 -17.10
CA GLY A 266 -11.69 14.65 -16.39
C GLY A 266 -11.55 14.79 -14.88
N PRO A 267 -12.05 13.82 -14.07
CA PRO A 267 -11.91 13.88 -12.62
C PRO A 267 -10.46 14.10 -12.19
N THR A 268 -10.22 15.15 -11.40
CA THR A 268 -8.89 15.69 -11.03
C THR A 268 -8.81 15.84 -9.52
N ILE A 269 -7.64 15.53 -8.94
CA ILE A 269 -7.27 15.91 -7.54
C ILE A 269 -6.01 16.78 -7.62
N ILE A 270 -6.03 17.92 -6.93
CA ILE A 270 -4.84 18.81 -6.74
C ILE A 270 -4.44 18.73 -5.26
N TYR A 271 -3.34 18.03 -4.97
CA TYR A 271 -2.76 17.90 -3.60
C TYR A 271 -1.82 19.10 -3.33
N CYS A 272 -2.14 19.90 -2.31
CA CYS A 272 -1.38 21.10 -1.88
C CYS A 272 -0.70 20.84 -0.53
N PRO A 273 0.45 21.48 -0.23
CA PRO A 273 1.25 21.12 0.94
C PRO A 273 0.72 21.68 2.27
N SER A 274 -0.16 22.70 2.22
CA SER A 274 -0.72 23.41 3.40
C SER A 274 -2.19 23.75 3.15
N ARG A 275 -2.88 24.23 4.20
CA ARG A 275 -4.31 24.63 4.16
C ARG A 275 -4.46 26.01 3.52
N LYS A 276 -3.44 26.88 3.68
CA LYS A 276 -3.40 28.25 3.10
C LYS A 276 -3.42 28.16 1.56
N MET A 277 -2.73 27.16 0.99
CA MET A 277 -2.63 26.96 -0.48
C MET A 277 -3.95 26.42 -1.02
N THR A 278 -4.55 25.42 -0.37
CA THR A 278 -5.82 24.78 -0.79
C THR A 278 -6.90 25.86 -1.00
N GLN A 279 -6.93 26.88 -0.14
CA GLN A 279 -7.85 28.05 -0.24
C GLN A 279 -7.47 28.89 -1.46
N GLN A 280 -6.20 29.32 -1.54
CA GLN A 280 -5.63 30.14 -2.65
C GLN A 280 -5.99 29.49 -4.00
N VAL A 281 -5.61 28.23 -4.20
CA VAL A 281 -5.79 27.47 -5.48
C VAL A 281 -7.28 27.43 -5.84
N THR A 282 -8.13 27.01 -4.90
CA THR A 282 -9.61 26.89 -5.10
C THR A 282 -10.20 28.26 -5.47
N GLY A 283 -9.66 29.33 -4.87
CA GLY A 283 -10.06 30.73 -5.15
C GLY A 283 -9.81 31.13 -6.60
N GLU A 284 -8.67 30.73 -7.17
CA GLU A 284 -8.28 31.06 -8.57
C GLU A 284 -9.13 30.24 -9.54
N LEU A 285 -9.39 28.96 -9.25
CA LEU A 285 -10.26 28.08 -10.08
C LEU A 285 -11.73 28.52 -9.96
N ARG A 286 -12.14 29.09 -8.82
CA ARG A 286 -13.50 29.63 -8.59
C ARG A 286 -13.81 30.73 -9.61
N LYS A 287 -12.85 31.65 -9.82
CA LYS A 287 -12.93 32.79 -10.78
C LYS A 287 -13.24 32.30 -12.21
N LEU A 288 -12.84 31.07 -12.55
CA LEU A 288 -13.09 30.43 -13.87
C LEU A 288 -14.44 29.70 -13.89
N ASN A 289 -15.19 29.69 -12.78
CA ASN A 289 -16.49 28.97 -12.62
C ASN A 289 -16.28 27.47 -12.87
N LEU A 290 -15.18 26.90 -12.35
CA LEU A 290 -14.82 25.46 -12.47
C LEU A 290 -15.49 24.69 -11.32
N SER A 291 -16.19 23.60 -11.63
CA SER A 291 -16.90 22.74 -10.64
C SER A 291 -15.88 22.01 -9.77
N CYS A 292 -15.55 22.59 -8.61
CA CYS A 292 -14.51 22.09 -7.66
C CYS A 292 -14.89 22.41 -6.21
N GLY A 293 -14.11 21.91 -5.24
CA GLY A 293 -14.32 22.13 -3.79
C GLY A 293 -13.08 21.79 -2.98
N THR A 294 -12.92 22.44 -1.81
CA THR A 294 -11.75 22.31 -0.92
C THR A 294 -11.98 21.20 0.11
N TYR A 295 -10.91 20.49 0.49
CA TYR A 295 -10.87 19.44 1.55
C TYR A 295 -9.60 19.65 2.39
N HIS A 296 -9.72 19.62 3.72
CA HIS A 296 -8.57 19.72 4.67
C HIS A 296 -8.99 19.43 6.11
N ALA A 297 -8.00 19.30 7.01
CA ALA A 297 -8.18 19.11 8.47
C ALA A 297 -8.64 20.42 9.09
N GLY A 298 -9.94 20.53 9.37
CA GLY A 298 -10.62 21.77 9.79
C GLY A 298 -11.84 22.07 8.91
N MET A 299 -12.71 21.07 8.72
CA MET A 299 -13.95 21.14 7.92
C MET A 299 -14.98 20.16 8.51
N SER A 300 -16.27 20.44 8.32
CA SER A 300 -17.41 19.62 8.84
C SER A 300 -17.41 18.26 8.14
N PHE A 301 -17.58 17.17 8.91
CA PHE A 301 -17.67 15.77 8.40
C PHE A 301 -18.81 15.66 7.38
N SER A 302 -19.91 16.38 7.61
CA SER A 302 -21.09 16.47 6.71
C SER A 302 -20.69 17.08 5.35
N THR A 303 -19.85 18.13 5.36
CA THR A 303 -19.37 18.83 4.13
C THR A 303 -18.34 17.95 3.41
N ARG A 304 -17.37 17.41 4.15
CA ARG A 304 -16.35 16.43 3.65
C ARG A 304 -17.05 15.23 2.99
N LYS A 305 -18.20 14.79 3.55
CA LYS A 305 -18.99 13.64 3.05
C LYS A 305 -19.62 13.97 1.68
N ASP A 306 -20.24 15.16 1.53
CA ASP A 306 -20.93 15.54 0.27
C ASP A 306 -19.90 15.82 -0.83
N ILE A 307 -18.73 16.41 -0.48
CA ILE A 307 -17.56 16.56 -1.39
C ILE A 307 -17.20 15.18 -1.96
N HIS A 308 -16.89 14.24 -1.07
CA HIS A 308 -16.60 12.81 -1.36
C HIS A 308 -17.71 12.22 -2.25
N HIS A 309 -18.98 12.46 -1.89
CA HIS A 309 -20.18 11.93 -2.58
C HIS A 309 -20.34 12.60 -3.95
N ARG A 310 -20.23 13.93 -4.03
CA ARG A 310 -20.31 14.73 -5.29
C ARG A 310 -19.23 14.27 -6.26
N PHE A 311 -18.00 14.08 -5.77
CA PHE A 311 -16.81 13.63 -6.56
C PHE A 311 -17.08 12.23 -7.13
N VAL A 312 -17.54 11.30 -6.29
CA VAL A 312 -17.95 9.91 -6.69
C VAL A 312 -19.13 9.99 -7.68
N ARG A 313 -20.08 10.91 -7.45
CA ARG A 313 -21.28 11.11 -8.31
C ARG A 313 -20.92 11.88 -9.59
N ASP A 314 -19.75 12.51 -9.65
CA ASP A 314 -19.23 13.33 -10.77
C ASP A 314 -20.06 14.62 -10.88
N GLU A 315 -20.31 15.27 -9.74
CA GLU A 315 -21.08 16.53 -9.61
C GLU A 315 -20.09 17.70 -9.49
N ILE A 316 -18.99 17.52 -8.74
CA ILE A 316 -17.75 18.34 -8.86
C ILE A 316 -16.73 17.55 -9.69
N GLN A 317 -15.96 18.26 -10.53
CA GLN A 317 -14.98 17.67 -11.47
C GLN A 317 -13.62 17.53 -10.78
N CYS A 318 -13.17 18.59 -10.10
CA CYS A 318 -11.86 18.69 -9.42
C CYS A 318 -12.07 18.71 -7.91
N VAL A 319 -11.05 18.27 -7.14
CA VAL A 319 -10.97 18.45 -5.65
C VAL A 319 -9.58 18.97 -5.32
N ILE A 320 -9.50 20.15 -4.71
CA ILE A 320 -8.24 20.75 -4.17
C ILE A 320 -8.15 20.30 -2.71
N ALA A 321 -7.05 19.66 -2.31
CA ALA A 321 -6.95 18.94 -1.02
C ALA A 321 -5.54 18.97 -0.43
N THR A 322 -5.46 18.67 0.87
CA THR A 322 -4.21 18.32 1.60
C THR A 322 -4.01 16.80 1.50
N ILE A 323 -2.91 16.31 2.08
CA ILE A 323 -2.59 14.86 2.29
C ILE A 323 -3.78 14.10 2.90
N ALA A 324 -4.74 14.80 3.55
CA ALA A 324 -5.92 14.25 4.24
C ALA A 324 -6.86 13.48 3.28
N PHE A 325 -7.11 13.99 2.07
CA PHE A 325 -8.09 13.41 1.10
C PHE A 325 -7.47 12.22 0.37
N GLY A 326 -8.28 11.20 0.07
CA GLY A 326 -7.94 10.12 -0.89
C GLY A 326 -8.21 8.73 -0.34
N MET A 327 -7.92 8.47 0.94
CA MET A 327 -8.04 7.10 1.53
C MET A 327 -9.50 6.66 1.48
N GLY A 328 -9.77 5.54 0.81
CA GLY A 328 -11.11 4.94 0.65
C GLY A 328 -12.02 5.76 -0.26
N ILE A 329 -11.45 6.53 -1.19
CA ILE A 329 -12.23 7.28 -2.23
C ILE A 329 -12.85 6.28 -3.21
N ASN A 330 -12.11 5.22 -3.56
CA ASN A 330 -12.57 4.07 -4.39
C ASN A 330 -12.96 4.51 -5.82
N LYS A 331 -12.69 5.76 -6.18
CA LYS A 331 -13.11 6.38 -7.47
C LYS A 331 -12.16 5.90 -8.56
N ALA A 332 -12.68 5.21 -9.57
CA ALA A 332 -11.90 4.45 -10.57
C ALA A 332 -11.41 5.33 -11.73
N ASP A 333 -11.99 6.52 -11.94
CA ASP A 333 -11.80 7.32 -13.18
C ASP A 333 -11.17 8.68 -12.85
N ILE A 334 -10.20 8.72 -11.93
CA ILE A 334 -9.35 9.92 -11.68
C ILE A 334 -8.33 10.00 -12.83
N ARG A 335 -8.49 11.00 -13.71
CA ARG A 335 -7.73 11.14 -14.99
C ARG A 335 -6.43 11.93 -14.75
N GLN A 336 -6.40 12.79 -13.73
CA GLN A 336 -5.30 13.75 -13.48
C GLN A 336 -5.10 13.90 -11.97
N VAL A 337 -3.88 13.64 -11.47
CA VAL A 337 -3.41 14.09 -10.13
C VAL A 337 -2.35 15.17 -10.35
N ILE A 338 -2.51 16.32 -9.69
CA ILE A 338 -1.49 17.42 -9.68
C ILE A 338 -1.01 17.60 -8.25
N HIS A 339 0.31 17.57 -8.03
CA HIS A 339 0.95 18.02 -6.76
C HIS A 339 1.35 19.49 -6.93
N TYR A 340 0.47 20.42 -6.53
CA TYR A 340 0.77 21.87 -6.54
C TYR A 340 1.62 22.18 -5.31
N GLY A 341 2.94 22.15 -5.50
CA GLY A 341 3.97 22.10 -4.44
C GLY A 341 4.55 20.71 -4.37
N ALA A 342 5.85 20.60 -4.10
CA ALA A 342 6.58 19.33 -3.88
C ALA A 342 5.81 18.48 -2.88
N PRO A 343 5.63 17.15 -3.11
CA PRO A 343 4.97 16.29 -2.12
C PRO A 343 5.72 16.23 -0.78
N LYS A 344 5.05 15.78 0.27
CA LYS A 344 5.64 15.55 1.62
C LYS A 344 6.91 14.71 1.48
N ASP A 345 6.79 13.53 0.87
CA ASP A 345 7.92 12.60 0.61
C ASP A 345 7.48 11.57 -0.44
N MET A 346 8.35 10.62 -0.78
CA MET A 346 8.07 9.62 -1.85
C MET A 346 6.99 8.62 -1.41
N GLU A 347 6.81 8.37 -0.11
N GLU A 347 6.81 8.36 -0.11
CA GLU A 347 5.80 7.42 0.42
CA GLU A 347 5.79 7.41 0.41
C GLU A 347 4.39 8.01 0.21
C GLU A 347 4.39 8.00 0.20
N SER A 348 4.17 9.25 0.63
CA SER A 348 2.89 9.99 0.45
C SER A 348 2.58 10.14 -1.05
N TYR A 349 3.58 10.55 -1.83
CA TYR A 349 3.52 10.69 -3.31
C TYR A 349 3.04 9.38 -3.96
N TYR A 350 3.64 8.25 -3.59
CA TYR A 350 3.28 6.89 -4.07
C TYR A 350 1.81 6.59 -3.75
N GLN A 351 1.37 6.84 -2.52
CA GLN A 351 -0.06 6.66 -2.11
C GLN A 351 -0.97 7.54 -2.98
N GLU A 352 -0.56 8.79 -3.25
CA GLU A 352 -1.40 9.82 -3.91
C GLU A 352 -1.55 9.50 -5.40
N ILE A 353 -0.46 9.16 -6.10
CA ILE A 353 -0.50 8.82 -7.56
C ILE A 353 -1.17 7.45 -7.75
N GLY A 354 -1.06 6.55 -6.77
CA GLY A 354 -1.72 5.22 -6.79
C GLY A 354 -3.23 5.30 -6.96
N ARG A 355 -3.85 6.42 -6.57
CA ARG A 355 -5.31 6.67 -6.65
C ARG A 355 -5.73 7.05 -8.07
N ALA A 356 -4.79 7.39 -8.95
CA ALA A 356 -5.05 7.75 -10.37
C ALA A 356 -5.29 6.49 -11.20
N GLY A 357 -6.28 6.57 -12.12
CA GLY A 357 -6.54 5.61 -13.21
C GLY A 357 -6.67 4.17 -12.76
N ARG A 358 -7.45 3.91 -11.71
N ARG A 358 -7.45 3.91 -11.71
CA ARG A 358 -7.73 2.54 -11.20
CA ARG A 358 -7.74 2.54 -11.21
C ARG A 358 -8.62 1.77 -12.20
C ARG A 358 -8.59 1.77 -12.22
N ASP A 359 -9.33 2.49 -13.08
CA ASP A 359 -10.10 1.90 -14.22
C ASP A 359 -9.16 1.35 -15.30
N GLY A 360 -7.87 1.70 -15.29
CA GLY A 360 -6.85 1.19 -16.23
C GLY A 360 -6.76 2.03 -17.50
N LEU A 361 -7.56 3.09 -17.59
CA LEU A 361 -7.53 4.07 -18.72
C LEU A 361 -6.44 5.11 -18.46
N GLN A 362 -6.07 5.86 -19.50
CA GLN A 362 -4.90 6.77 -19.50
C GLN A 362 -5.13 7.87 -18.45
N SER A 363 -4.18 8.02 -17.53
CA SER A 363 -4.13 9.10 -16.53
C SER A 363 -2.75 9.77 -16.55
N SER A 364 -2.69 11.01 -16.05
CA SER A 364 -1.45 11.79 -15.92
C SER A 364 -1.30 12.25 -14.47
N CYS A 365 -0.07 12.19 -13.95
CA CYS A 365 0.32 12.67 -12.60
C CYS A 365 1.44 13.70 -12.76
N HIS A 366 1.15 14.97 -12.47
CA HIS A 366 2.11 16.11 -12.56
C HIS A 366 2.48 16.62 -11.17
N VAL A 367 3.77 16.83 -10.92
CA VAL A 367 4.28 17.65 -9.78
C VAL A 367 4.65 19.03 -10.33
N LEU A 368 4.14 20.09 -9.68
CA LEU A 368 4.48 21.51 -9.92
C LEU A 368 5.21 22.03 -8.68
N TRP A 369 6.55 22.10 -8.73
CA TRP A 369 7.43 22.38 -7.56
C TRP A 369 8.27 23.65 -7.81
N ALA A 370 8.59 24.36 -6.73
CA ALA A 370 9.56 25.48 -6.65
C ALA A 370 10.61 25.16 -5.58
N PRO A 371 11.80 25.80 -5.58
CA PRO A 371 12.79 25.57 -4.52
C PRO A 371 12.32 26.02 -3.12
N ALA A 372 11.31 26.89 -3.04
CA ALA A 372 10.76 27.49 -1.79
C ALA A 372 9.57 26.69 -1.25
N ASP A 373 9.39 25.44 -1.68
CA ASP A 373 8.30 24.56 -1.19
C ASP A 373 8.63 24.12 0.24
N ILE A 374 7.63 24.18 1.14
CA ILE A 374 7.71 23.80 2.58
C ILE A 374 8.31 22.40 2.73
N ASN A 375 7.95 21.47 1.83
CA ASN A 375 8.41 20.06 1.85
C ASN A 375 9.82 19.91 1.28
N LEU A 376 10.49 21.01 0.90
CA LEU A 376 11.96 21.06 0.60
C LEU A 376 12.67 22.01 1.59
N ASN A 377 11.99 22.46 2.65
CA ASN A 377 12.53 23.39 3.69
C ASN A 377 13.22 22.56 4.79
N ARG A 378 14.55 22.48 4.76
CA ARG A 378 15.38 21.72 5.74
C ARG A 378 15.26 22.33 7.15
N HIS A 379 15.13 23.66 7.24
CA HIS A 379 15.10 24.45 8.51
C HIS A 379 14.14 23.83 9.53
N LEU A 380 12.97 23.39 9.09
CA LEU A 380 11.89 22.82 9.95
C LEU A 380 12.31 21.46 10.50
N LEU A 381 13.07 20.67 9.72
CA LEU A 381 13.58 19.33 10.10
C LEU A 381 14.82 19.47 11.00
N THR A 382 15.66 20.48 10.76
CA THR A 382 16.84 20.85 11.61
C THR A 382 16.38 21.16 13.04
N GLU A 383 15.15 21.67 13.22
CA GLU A 383 14.56 22.05 14.53
C GLU A 383 13.96 20.84 15.26
N ILE A 384 13.71 19.71 14.58
CA ILE A 384 13.19 18.45 15.21
C ILE A 384 14.28 17.90 16.13
N ARG A 385 13.94 17.63 17.40
CA ARG A 385 14.92 17.35 18.49
C ARG A 385 15.26 15.86 18.54
N ASN A 386 14.29 14.96 18.31
CA ASN A 386 14.52 13.50 18.20
C ASN A 386 15.46 13.25 17.01
N GLU A 387 16.67 12.76 17.28
CA GLU A 387 17.77 12.67 16.28
C GLU A 387 17.42 11.61 15.21
N LYS A 388 17.05 10.40 15.62
CA LYS A 388 16.73 9.28 14.69
C LYS A 388 15.61 9.71 13.73
N PHE A 389 14.57 10.37 14.24
CA PHE A 389 13.43 10.86 13.43
C PHE A 389 13.87 12.04 12.55
N ARG A 390 14.70 12.96 13.08
CA ARG A 390 15.25 14.12 12.32
C ARG A 390 16.02 13.60 11.10
N LEU A 391 16.88 12.59 11.29
N LEU A 391 16.92 12.64 11.33
CA LEU A 391 17.76 12.07 10.22
CA LEU A 391 17.75 11.98 10.28
C LEU A 391 16.95 11.23 9.21
C LEU A 391 16.84 11.39 9.20
N TYR A 392 15.84 10.61 9.62
CA TYR A 392 14.87 9.92 8.73
C TYR A 392 14.20 10.96 7.82
N LYS A 393 13.63 12.02 8.40
CA LYS A 393 12.86 13.08 7.70
C LYS A 393 13.74 13.80 6.68
N LEU A 394 15.01 14.07 7.02
CA LEU A 394 15.99 14.73 6.10
C LEU A 394 16.32 13.78 4.94
N LYS A 395 16.57 12.51 5.22
CA LYS A 395 16.86 11.44 4.22
C LYS A 395 15.69 11.29 3.25
N MET A 396 14.45 11.38 3.73
CA MET A 396 13.21 11.26 2.90
C MET A 396 13.04 12.51 2.03
N MET A 397 13.28 13.70 2.59
CA MET A 397 13.21 14.99 1.86
C MET A 397 14.22 14.99 0.71
N ALA A 398 15.45 14.52 0.97
CA ALA A 398 16.57 14.45 0.00
C ALA A 398 16.27 13.45 -1.12
N LYS A 399 15.71 12.29 -0.77
CA LYS A 399 15.25 11.24 -1.73
C LYS A 399 14.15 11.82 -2.63
N MET A 400 13.22 12.59 -2.07
CA MET A 400 12.15 13.32 -2.80
C MET A 400 12.79 14.32 -3.78
N GLU A 401 13.74 15.12 -3.28
CA GLU A 401 14.40 16.20 -4.06
C GLU A 401 15.22 15.59 -5.22
N LYS A 402 15.82 14.42 -4.99
CA LYS A 402 16.59 13.64 -6.01
C LYS A 402 15.63 13.10 -7.08
N TYR A 403 14.41 12.71 -6.72
CA TYR A 403 13.37 12.29 -7.70
C TYR A 403 12.97 13.50 -8.56
N LEU A 404 12.60 14.62 -7.93
CA LEU A 404 12.08 15.82 -8.63
C LEU A 404 13.16 16.39 -9.58
N HIS A 405 14.42 16.40 -9.16
CA HIS A 405 15.56 16.97 -9.94
C HIS A 405 16.05 16.02 -11.04
N SER A 406 15.60 14.75 -11.05
CA SER A 406 16.15 13.69 -11.94
C SER A 406 15.87 14.00 -13.41
N SER A 407 16.76 13.56 -14.30
CA SER A 407 16.60 13.49 -15.78
C SER A 407 16.40 12.04 -16.22
N ARG A 408 16.47 11.08 -15.29
CA ARG A 408 16.27 9.63 -15.53
C ARG A 408 14.78 9.29 -15.43
N CYS A 409 14.42 8.05 -15.78
CA CYS A 409 13.02 7.58 -15.91
C CYS A 409 12.30 7.68 -14.56
N ARG A 410 11.23 8.48 -14.49
CA ARG A 410 10.41 8.70 -13.25
C ARG A 410 9.85 7.37 -12.77
N ARG A 411 9.35 6.55 -13.70
CA ARG A 411 8.75 5.22 -13.41
C ARG A 411 9.81 4.29 -12.78
N GLN A 412 10.98 4.20 -13.42
N GLN A 412 10.98 4.21 -13.42
CA GLN A 412 12.11 3.34 -12.99
CA GLN A 412 12.12 3.35 -12.98
C GLN A 412 12.50 3.69 -11.54
C GLN A 412 12.50 3.69 -11.54
N ILE A 413 12.55 4.99 -11.20
CA ILE A 413 12.90 5.48 -9.83
C ILE A 413 11.86 4.94 -8.84
N ILE A 414 10.57 5.12 -9.13
CA ILE A 414 9.45 4.75 -8.21
C ILE A 414 9.44 3.23 -8.03
N LEU A 415 9.48 2.46 -9.13
CA LEU A 415 9.46 0.98 -9.07
C LEU A 415 10.69 0.46 -8.31
N SER A 416 11.88 1.04 -8.55
CA SER A 416 13.16 0.64 -7.90
C SER A 416 13.05 0.76 -6.38
N HIS A 417 12.50 1.88 -5.89
CA HIS A 417 12.39 2.18 -4.43
C HIS A 417 11.29 1.34 -3.76
N PHE A 418 10.12 1.15 -4.39
CA PHE A 418 8.91 0.59 -3.73
C PHE A 418 8.64 -0.87 -4.12
N GLU A 419 8.90 -1.25 -5.37
CA GLU A 419 8.43 -2.54 -5.94
C GLU A 419 9.58 -3.54 -6.04
N ASP A 420 9.26 -4.83 -6.03
CA ASP A 420 10.19 -5.97 -6.26
C ASP A 420 10.76 -5.83 -7.68
N LYS A 421 11.95 -6.40 -7.92
CA LYS A 421 12.68 -6.35 -9.23
C LYS A 421 11.81 -6.91 -10.37
N GLN A 422 10.94 -7.87 -10.09
CA GLN A 422 10.01 -8.51 -11.06
C GLN A 422 9.10 -7.47 -11.72
N VAL A 423 8.64 -6.47 -10.97
CA VAL A 423 7.71 -5.42 -11.47
C VAL A 423 8.42 -4.62 -12.58
N GLN A 424 9.71 -4.34 -12.41
CA GLN A 424 10.55 -3.62 -13.41
C GLN A 424 10.68 -4.44 -14.70
N LYS A 425 10.88 -5.77 -14.58
CA LYS A 425 10.99 -6.71 -15.73
C LYS A 425 9.74 -6.63 -16.61
N ALA A 426 8.55 -6.67 -15.98
CA ALA A 426 7.23 -6.60 -16.66
C ALA A 426 7.03 -5.23 -17.32
N SER A 427 7.52 -4.14 -16.70
CA SER A 427 7.20 -2.74 -17.08
C SER A 427 8.12 -2.21 -18.20
N LEU A 428 8.99 -3.04 -18.78
CA LEU A 428 9.97 -2.60 -19.84
C LEU A 428 9.24 -2.13 -21.10
N GLY A 429 8.01 -2.63 -21.36
CA GLY A 429 7.15 -2.21 -22.47
C GLY A 429 6.84 -0.71 -22.44
N ILE A 430 6.12 -0.24 -21.42
CA ILE A 430 5.76 1.21 -21.22
C ILE A 430 7.05 2.03 -21.05
N MET A 431 8.01 1.57 -20.24
CA MET A 431 9.24 2.36 -19.92
C MET A 431 10.02 2.60 -21.21
N GLY A 432 10.43 3.87 -21.44
CA GLY A 432 11.18 4.31 -22.62
C GLY A 432 10.30 4.93 -23.70
N THR A 433 8.98 4.77 -23.63
CA THR A 433 8.00 5.25 -24.64
C THR A 433 7.53 6.66 -24.28
N GLU A 434 6.78 7.30 -25.20
CA GLU A 434 6.28 8.69 -25.08
C GLU A 434 5.18 8.80 -24.00
N LYS A 435 4.63 7.67 -23.55
CA LYS A 435 3.56 7.61 -22.50
C LYS A 435 4.14 7.30 -21.11
N CYS A 436 5.44 6.99 -20.97
CA CYS A 436 6.05 6.59 -19.67
C CYS A 436 6.15 7.80 -18.75
N CYS A 437 7.03 8.76 -19.08
CA CYS A 437 7.30 9.96 -18.27
C CYS A 437 7.96 11.05 -19.10
N ASP A 438 7.99 12.27 -18.56
CA ASP A 438 8.57 13.49 -19.18
C ASP A 438 10.03 13.23 -19.60
N ASN A 439 10.78 12.46 -18.80
CA ASN A 439 12.22 12.19 -19.05
C ASN A 439 12.39 11.17 -20.17
N CYS A 440 11.47 10.20 -20.30
CA CYS A 440 11.44 9.21 -21.41
C CYS A 440 10.94 9.86 -22.71
N ARG A 441 10.16 10.95 -22.63
CA ARG A 441 9.68 11.71 -23.82
C ARG A 441 10.86 12.50 -24.42
ZN ZN B . 10.05 6.91 -18.07
C1 A1CEZ C . -9.12 1.75 2.00
C2 A1CEZ C . -7.75 2.38 1.96
C4 A1CEZ C . -5.74 2.81 3.03
C6 A1CEZ C . -5.99 3.61 0.85
C7 A1CEZ C . -5.37 4.38 -0.26
C11 A1CEZ C . -3.71 1.79 -2.18
C12 A1CEZ C . -2.92 2.60 -3.22
C15 A1CEZ C . -1.72 1.43 -4.88
C16 A1CEZ C . -2.97 1.83 -4.52
C17 A1CEZ C . -4.06 1.48 -5.37
C21 A1CEZ C . -3.93 -0.32 -8.38
N22 A1CEZ C . -4.34 -0.93 -9.57
C23 A1CEZ C . -5.80 -0.99 -9.80
C24 A1CEZ C . -6.09 -1.42 -11.25
O25 A1CEZ C . -5.37 -2.63 -11.51
C27 A1CEZ C . -3.58 -2.12 -9.99
C31 A1CEZ C . -0.18 0.32 -6.43
C32 A1CEZ C . 0.41 1.35 -7.36
C35 A1CEZ C . 2.41 2.14 -8.47
C36 A1CEZ C . 3.02 1.61 -9.60
C37 A1CEZ C . 3.69 2.42 -10.50
C38 A1CEZ C . 3.76 3.78 -10.28
C39 A1CEZ C . 4.50 4.66 -11.27
N3 A1CEZ C . -6.96 2.27 3.02
N5 A1CEZ C . -5.27 3.46 1.97
O8 A1CEZ C . -5.74 5.51 -0.43
N9 A1CEZ C . -4.33 3.88 -1.02
C10 A1CEZ C . -3.84 2.50 -0.82
C13 A1CEZ C . -1.44 2.72 -2.81
C14 A1CEZ C . -0.69 1.90 -3.87
O18 A1CEZ C . -5.22 1.80 -5.13
N19 A1CEZ C . -3.84 0.79 -6.50
N20 A1CEZ C . -4.69 0.31 -7.51
C26 A1CEZ C . -3.95 -2.51 -11.42
N28 A1CEZ C . -2.66 -0.26 -7.95
C29 A1CEZ C . -2.58 0.40 -6.82
N30 A1CEZ C . -1.52 0.71 -6.02
O33 A1CEZ C . -0.29 2.24 -7.80
N34 A1CEZ C . 1.74 1.25 -7.62
F40 A1CEZ C . 3.99 4.40 -12.51
F41 A1CEZ C . 4.32 6.02 -11.01
F42 A1CEZ C . 5.86 4.35 -11.25
C43 A1CEZ C . 3.15 4.33 -9.15
C44 A1CEZ C . 2.48 3.52 -8.24
CL4 A1CEZ C . 1.77 4.29 -6.87
C46 A1CEZ C . -3.53 3.98 -3.40
C47 A1CEZ C . -3.69 4.70 -2.07
C48 A1CEZ C . -7.29 3.06 0.81
O49 A1CEZ C . -8.08 3.18 -0.29
C1 EDO D . 0.08 -20.16 0.05
O1 EDO D . -0.68 -20.01 -1.13
C2 EDO D . 1.36 -19.41 0.01
O2 EDO D . 1.26 -18.01 -0.19
C1 EDO E . 14.42 -20.49 13.26
O1 EDO E . 13.61 -21.52 13.80
C2 EDO E . 13.80 -19.15 13.39
O2 EDO E . 13.49 -18.73 14.70
C1 EDO F . -6.59 -0.94 -3.11
O1 EDO F . -7.86 -0.34 -3.28
C2 EDO F . -6.65 -2.26 -2.43
O2 EDO F . -7.65 -3.13 -2.93
C1 EDO G . 0.13 18.62 -20.39
O1 EDO G . -0.06 17.64 -19.39
C2 EDO G . -0.41 19.95 -20.02
O2 EDO G . 0.20 20.52 -18.88
C1 EDO H . -18.43 -13.42 9.93
O1 EDO H . -18.39 -13.69 11.32
C2 EDO H . -19.08 -12.12 9.60
O2 EDO H . -19.10 -11.16 10.65
S DMS I . 11.09 -31.24 14.07
O DMS I . 9.87 -30.44 14.45
C1 DMS I . 10.54 -32.42 12.87
C2 DMS I . 11.36 -32.37 15.41
#